data_6MB7
#
_entry.id   6MB7
#
_cell.length_a   106.190
_cell.length_b   106.190
_cell.length_c   69.000
_cell.angle_alpha   90.000
_cell.angle_beta   90.000
_cell.angle_gamma   120.000
#
_symmetry.space_group_name_H-M   'P 32 2 1'
#
loop_
_entity.id
_entity.type
_entity.pdbx_description
1 polymer 'Aac(3)-IIIb protein'
2 non-polymer PAROMOMYCIN
3 water water
#
_entity_poly.entity_id   1
_entity_poly.type   'polypeptide(L)'
_entity_poly.pdbx_seq_one_letter_code
;MTSATASFATRTSLAADLAALGLAWGDAIMVHAAVSRVGRLLDGPDTIIAALRDTVGPGGTVLAYADWEARYEDLVDDAG
RVPPEWREHVPPFDPQRSRAIRDNGVLPEFLRTTPGTLRSGNPGASLVALGAKAEWFTADHPLDYGYGEGSPLAKLVEAG
GKVLMLGAPLDTLTLLHHAEHLADIPGKRIKRIEVPFATPTGTQWRMIEEFDTGDPIVAGLAEDYFAGIVTEFLASGQGR
QGLIGAAPSVLVDAAAITAFGVTWLEKRFGTPSP
;
_entity_poly.pdbx_strand_id   A
#
loop_
_chem_comp.id
_chem_comp.type
_chem_comp.name
_chem_comp.formula
PAR non-polymer PAROMOMYCIN 'C23 H45 N5 O14'
#
# COMPACT_ATOMS: atom_id res chain seq x y z
N SER A 7 -7.64 -29.99 3.36
CA SER A 7 -7.78 -29.42 2.02
C SER A 7 -8.13 -27.93 2.09
N PHE A 8 -8.84 -27.55 3.14
CA PHE A 8 -9.26 -26.16 3.35
C PHE A 8 -8.29 -25.48 4.31
N ALA A 9 -7.65 -24.41 3.84
CA ALA A 9 -6.90 -23.56 4.75
C ALA A 9 -7.87 -22.73 5.58
N THR A 10 -7.64 -22.66 6.90
CA THR A 10 -8.60 -22.07 7.81
C THR A 10 -8.02 -20.84 8.50
N ARG A 11 -8.91 -20.14 9.21
CA ARG A 11 -8.51 -19.00 10.02
C ARG A 11 -7.47 -19.41 11.06
N THR A 12 -7.60 -20.62 11.62
CA THR A 12 -6.67 -21.09 12.63
C THR A 12 -5.33 -21.46 12.01
N SER A 13 -5.35 -22.19 10.89
CA SER A 13 -4.10 -22.64 10.28
C SER A 13 -3.32 -21.48 9.68
N LEU A 14 -4.02 -20.48 9.13
CA LEU A 14 -3.32 -19.32 8.58
C LEU A 14 -2.66 -18.49 9.68
N ALA A 15 -3.34 -18.35 10.83
CA ALA A 15 -2.74 -17.63 11.95
C ALA A 15 -1.49 -18.34 12.45
N ALA A 16 -1.50 -19.67 12.43
CA ALA A 16 -0.31 -20.43 12.81
C ALA A 16 0.82 -20.21 11.81
N ASP A 17 0.50 -20.18 10.52
CA ASP A 17 1.53 -19.91 9.51
C ASP A 17 2.09 -18.50 9.65
N LEU A 18 1.24 -17.55 10.01
CA LEU A 18 1.69 -16.17 10.18
C LEU A 18 2.62 -16.04 11.40
N ALA A 19 2.31 -16.75 12.48
CA ALA A 19 3.17 -16.72 13.66
C ALA A 19 4.52 -17.36 13.35
N ALA A 20 4.51 -18.50 12.65
CA ALA A 20 5.77 -19.15 12.29
C ALA A 20 6.64 -18.28 11.40
N LEU A 21 6.01 -17.39 10.62
CA LEU A 21 6.76 -16.51 9.73
C LEU A 21 7.40 -15.34 10.46
N GLY A 22 6.89 -14.96 11.62
CA GLY A 22 7.44 -13.87 12.40
C GLY A 22 6.46 -12.78 12.76
N LEU A 23 5.21 -12.83 12.29
CA LEU A 23 4.23 -11.83 12.67
C LEU A 23 3.90 -11.96 14.16
N ALA A 24 3.91 -10.84 14.86
CA ALA A 24 3.89 -10.84 16.32
C ALA A 24 2.68 -10.10 16.87
N TRP A 25 2.31 -10.49 18.08
CA TRP A 25 1.30 -9.80 18.88
C TRP A 25 1.61 -8.31 18.96
N GLY A 26 0.66 -7.48 18.54
CA GLY A 26 0.81 -6.04 18.61
C GLY A 26 1.39 -5.38 17.38
N ASP A 27 1.77 -6.14 16.36
CA ASP A 27 2.38 -5.58 15.17
C ASP A 27 1.39 -4.74 14.38
N ALA A 28 1.90 -3.70 13.73
CA ALA A 28 1.21 -3.03 12.64
C ALA A 28 1.71 -3.66 11.35
N ILE A 29 0.82 -4.36 10.64
CA ILE A 29 1.22 -5.17 9.49
C ILE A 29 0.49 -4.67 8.25
N MET A 30 1.24 -4.38 7.19
CA MET A 30 0.71 -4.03 5.90
C MET A 30 0.87 -5.22 4.96
N VAL A 31 -0.22 -5.64 4.33
CA VAL A 31 -0.25 -6.91 3.61
C VAL A 31 -0.55 -6.65 2.14
N HIS A 32 0.26 -7.26 1.27
CA HIS A 32 -0.02 -7.38 -0.16
C HIS A 32 -0.25 -8.86 -0.44
N ALA A 33 -1.44 -9.18 -0.94
CA ALA A 33 -1.87 -10.57 -1.04
C ALA A 33 -2.26 -10.93 -2.46
N ALA A 34 -1.91 -12.15 -2.85
CA ALA A 34 -2.46 -12.81 -4.04
C ALA A 34 -3.33 -13.94 -3.51
N VAL A 35 -4.62 -13.63 -3.32
CA VAL A 35 -5.53 -14.54 -2.62
C VAL A 35 -5.61 -15.89 -3.32
N SER A 36 -5.41 -15.92 -4.64
CA SER A 36 -5.51 -17.18 -5.38
C SER A 36 -4.42 -18.16 -4.94
N ARG A 37 -3.22 -17.65 -4.64
CA ARG A 37 -2.10 -18.52 -4.30
C ARG A 37 -2.17 -19.07 -2.88
N VAL A 38 -3.07 -18.56 -2.04
CA VAL A 38 -3.14 -19.04 -0.67
C VAL A 38 -3.75 -20.44 -0.61
N GLY A 39 -4.57 -20.79 -1.58
CA GLY A 39 -5.26 -22.06 -1.61
C GLY A 39 -6.74 -21.91 -1.31
N ARG A 40 -7.41 -23.06 -1.20
CA ARG A 40 -8.84 -23.06 -0.94
C ARG A 40 -9.11 -22.53 0.47
N LEU A 41 -9.95 -21.50 0.56
CA LEU A 41 -10.24 -20.83 1.81
C LEU A 41 -11.73 -20.97 2.12
N LEU A 42 -12.04 -21.24 3.39
CA LEU A 42 -13.43 -21.45 3.79
C LEU A 42 -14.24 -20.18 3.70
N ASP A 43 -13.60 -19.01 3.86
CA ASP A 43 -14.30 -17.74 3.85
C ASP A 43 -13.77 -16.77 2.80
N GLY A 44 -13.03 -17.29 1.81
CA GLY A 44 -12.44 -16.44 0.80
C GLY A 44 -11.41 -15.51 1.41
N PRO A 45 -11.30 -14.29 0.88
CA PRO A 45 -10.28 -13.35 1.39
C PRO A 45 -10.47 -13.00 2.86
N ASP A 46 -11.70 -13.04 3.38
CA ASP A 46 -11.94 -12.64 4.76
C ASP A 46 -11.26 -13.57 5.77
N THR A 47 -10.93 -14.80 5.37
N THR A 47 -10.89 -14.79 5.38
CA THR A 47 -10.14 -15.67 6.23
CA THR A 47 -10.15 -15.64 6.29
C THR A 47 -8.76 -15.09 6.48
C THR A 47 -8.72 -15.16 6.46
N ILE A 48 -8.16 -14.49 5.44
CA ILE A 48 -6.83 -13.90 5.58
C ILE A 48 -6.88 -12.70 6.53
N ILE A 49 -7.89 -11.84 6.36
CA ILE A 49 -8.05 -10.70 7.26
C ILE A 49 -8.26 -11.17 8.69
N ALA A 50 -9.09 -12.20 8.88
CA ALA A 50 -9.35 -12.70 10.23
C ALA A 50 -8.08 -13.26 10.86
N ALA A 51 -7.30 -14.03 10.09
CA ALA A 51 -6.08 -14.61 10.63
C ALA A 51 -5.06 -13.55 11.01
N LEU A 52 -4.95 -12.50 10.18
CA LEU A 52 -4.03 -11.41 10.50
C LEU A 52 -4.45 -10.71 11.79
N ARG A 53 -5.75 -10.47 11.96
CA ARG A 53 -6.22 -9.79 13.17
C ARG A 53 -6.00 -10.64 14.40
N ASP A 54 -6.24 -11.96 14.30
CA ASP A 54 -6.02 -12.85 15.43
C ASP A 54 -4.55 -12.86 15.85
N THR A 55 -3.64 -12.79 14.87
CA THR A 55 -2.22 -12.89 15.17
C THR A 55 -1.70 -11.63 15.86
N VAL A 56 -2.15 -10.46 15.42
CA VAL A 56 -1.66 -9.22 16.02
C VAL A 56 -2.47 -8.80 17.25
N GLY A 57 -3.67 -9.34 17.42
CA GLY A 57 -4.46 -9.05 18.59
C GLY A 57 -5.03 -7.64 18.58
N PRO A 58 -5.79 -7.28 19.61
CA PRO A 58 -6.44 -5.96 19.63
C PRO A 58 -5.47 -4.78 19.71
N GLY A 59 -4.20 -5.00 20.05
CA GLY A 59 -3.22 -3.93 20.03
C GLY A 59 -2.57 -3.70 18.69
N GLY A 60 -2.75 -4.61 17.73
CA GLY A 60 -2.15 -4.48 16.43
C GLY A 60 -3.05 -3.76 15.44
N THR A 61 -2.51 -3.57 14.24
CA THR A 61 -3.22 -2.90 13.16
C THR A 61 -2.93 -3.62 11.85
N VAL A 62 -3.96 -3.77 11.02
CA VAL A 62 -3.84 -4.40 9.71
C VAL A 62 -4.07 -3.33 8.66
N LEU A 63 -3.12 -3.22 7.72
CA LEU A 63 -3.15 -2.18 6.71
C LEU A 63 -3.04 -2.78 5.31
N ALA A 64 -3.54 -2.02 4.34
CA ALA A 64 -3.39 -2.37 2.94
C ALA A 64 -3.41 -1.09 2.11
N TYR A 65 -2.85 -1.18 0.90
CA TYR A 65 -2.80 -0.06 -0.02
C TYR A 65 -4.11 -0.03 -0.81
N ALA A 66 -4.90 1.02 -0.61
CA ALA A 66 -6.22 1.10 -1.25
C ALA A 66 -6.18 1.78 -2.61
N ASP A 67 -5.44 2.88 -2.74
CA ASP A 67 -5.42 3.68 -3.97
C ASP A 67 -6.86 4.14 -4.24
N TRP A 68 -7.26 4.22 -5.50
CA TRP A 68 -8.56 4.78 -5.85
C TRP A 68 -8.89 4.37 -7.27
N GLU A 69 -10.10 3.84 -7.46
CA GLU A 69 -10.59 3.43 -8.78
C GLU A 69 -11.12 4.68 -9.48
N ALA A 70 -10.25 5.32 -10.26
CA ALA A 70 -10.57 6.58 -10.96
C ALA A 70 -10.04 6.47 -12.39
N ARG A 71 -10.88 5.98 -13.28
CA ARG A 71 -10.51 5.77 -14.68
C ARG A 71 -10.58 7.05 -15.52
N TYR A 72 -10.78 8.21 -14.89
CA TYR A 72 -10.92 9.47 -15.62
C TYR A 72 -9.59 10.06 -16.08
N GLU A 73 -8.47 9.43 -15.74
CA GLU A 73 -7.17 9.99 -16.09
C GLU A 73 -6.85 9.83 -17.57
N ASP A 74 -7.68 9.13 -18.34
CA ASP A 74 -7.51 9.05 -19.78
C ASP A 74 -7.96 10.30 -20.50
N LEU A 75 -8.58 11.26 -19.80
CA LEU A 75 -9.19 12.42 -20.42
C LEU A 75 -8.52 13.74 -20.08
N VAL A 76 -7.55 13.76 -19.17
CA VAL A 76 -6.94 15.02 -18.76
C VAL A 76 -6.04 15.56 -19.88
N ASP A 77 -5.86 16.87 -19.89
CA ASP A 77 -5.14 17.55 -20.97
C ASP A 77 -3.63 17.52 -20.76
N ASP A 78 -3.02 18.69 -20.64
CA ASP A 78 -1.58 18.81 -20.45
C ASP A 78 -1.18 19.23 -19.05
N ALA A 79 -2.01 19.97 -18.32
CA ALA A 79 -1.71 20.41 -16.97
C ALA A 79 -2.38 19.54 -15.90
N GLY A 80 -2.92 18.39 -16.29
CA GLY A 80 -3.54 17.48 -15.34
C GLY A 80 -5.00 17.74 -15.02
N ARG A 81 -5.62 18.73 -15.66
CA ARG A 81 -7.00 19.09 -15.35
C ARG A 81 -7.98 18.40 -16.29
N VAL A 82 -9.24 18.37 -15.86
CA VAL A 82 -10.31 17.69 -16.58
C VAL A 82 -11.01 18.68 -17.50
N PRO A 83 -11.19 18.36 -18.78
CA PRO A 83 -11.95 19.23 -19.69
C PRO A 83 -13.33 19.50 -19.13
N PRO A 84 -13.85 20.72 -19.29
CA PRO A 84 -15.09 21.10 -18.57
C PRO A 84 -16.33 20.35 -19.01
N GLU A 85 -16.31 19.64 -20.14
CA GLU A 85 -17.45 18.82 -20.53
C GLU A 85 -17.49 17.48 -19.78
N TRP A 86 -16.45 17.16 -19.02
CA TRP A 86 -16.37 15.91 -18.28
C TRP A 86 -16.40 16.10 -16.76
N ARG A 87 -16.31 17.33 -16.27
CA ARG A 87 -16.11 17.56 -14.84
C ARG A 87 -17.26 17.02 -14.02
N GLU A 88 -18.50 17.35 -14.38
CA GLU A 88 -19.66 16.93 -13.61
C GLU A 88 -19.92 15.42 -13.72
N HIS A 89 -19.19 14.71 -14.58
CA HIS A 89 -19.37 13.28 -14.77
C HIS A 89 -18.36 12.44 -14.00
N VAL A 90 -17.23 13.01 -13.58
CA VAL A 90 -16.22 12.28 -12.82
C VAL A 90 -16.71 12.11 -11.38
N PRO A 91 -16.83 10.88 -10.89
CA PRO A 91 -17.26 10.68 -9.49
C PRO A 91 -16.21 11.21 -8.53
N PRO A 92 -16.60 12.07 -7.60
CA PRO A 92 -15.61 12.65 -6.67
C PRO A 92 -15.13 11.63 -5.66
N PHE A 93 -13.98 11.93 -5.07
CA PHE A 93 -13.38 11.01 -4.10
C PHE A 93 -14.06 11.18 -2.75
N ASP A 94 -14.55 10.07 -2.22
CA ASP A 94 -15.09 10.00 -0.86
C ASP A 94 -14.31 8.92 -0.14
N PRO A 95 -13.50 9.25 0.87
CA PRO A 95 -12.69 8.22 1.55
C PRO A 95 -13.52 7.11 2.16
N GLN A 96 -14.80 7.36 2.47
CA GLN A 96 -15.66 6.35 3.07
C GLN A 96 -16.44 5.55 2.04
N ARG A 97 -16.52 6.02 0.80
CA ARG A 97 -17.34 5.37 -0.22
C ARG A 97 -16.58 4.97 -1.47
N SER A 98 -15.51 5.67 -1.83
CA SER A 98 -14.78 5.35 -3.05
C SER A 98 -14.13 3.98 -2.95
N ARG A 99 -14.23 3.21 -4.03
CA ARG A 99 -13.67 1.88 -4.05
C ARG A 99 -12.16 1.93 -4.04
N ALA A 100 -11.55 0.97 -3.34
CA ALA A 100 -10.12 0.74 -3.49
C ALA A 100 -9.86 0.16 -4.87
N ILE A 101 -8.68 0.47 -5.41
CA ILE A 101 -8.32 -0.09 -6.70
C ILE A 101 -8.18 -1.60 -6.57
N ARG A 102 -8.50 -2.30 -7.65
CA ARG A 102 -8.43 -3.76 -7.66
C ARG A 102 -7.41 -4.28 -8.66
N ASP A 103 -6.43 -3.45 -9.04
CA ASP A 103 -5.41 -3.89 -10.00
C ASP A 103 -4.56 -5.01 -9.42
N ASN A 104 -4.38 -5.06 -8.11
CA ASN A 104 -3.50 -6.03 -7.47
C ASN A 104 -4.23 -6.86 -6.42
N GLY A 105 -5.44 -7.30 -6.75
CA GLY A 105 -6.19 -8.20 -5.90
C GLY A 105 -7.35 -7.51 -5.20
N VAL A 106 -8.22 -8.35 -4.62
CA VAL A 106 -9.44 -7.85 -3.98
C VAL A 106 -9.27 -7.60 -2.49
N LEU A 107 -8.15 -8.00 -1.89
CA LEU A 107 -8.01 -7.89 -0.45
C LEU A 107 -8.09 -6.46 0.07
N PRO A 108 -7.45 -5.46 -0.54
CA PRO A 108 -7.66 -4.07 -0.06
C PRO A 108 -9.13 -3.68 0.00
N GLU A 109 -9.89 -3.95 -1.07
CA GLU A 109 -11.31 -3.61 -1.05
C GLU A 109 -12.06 -4.42 0.01
N PHE A 110 -11.71 -5.70 0.17
CA PHE A 110 -12.32 -6.51 1.24
C PHE A 110 -11.99 -5.92 2.60
N LEU A 111 -10.74 -5.48 2.79
CA LEU A 111 -10.38 -4.84 4.05
C LEU A 111 -11.10 -3.51 4.23
N ARG A 112 -11.21 -2.73 3.14
CA ARG A 112 -11.86 -1.42 3.23
C ARG A 112 -13.31 -1.54 3.69
N THR A 113 -14.01 -2.58 3.23
CA THR A 113 -15.41 -2.79 3.57
C THR A 113 -15.60 -3.65 4.82
N THR A 114 -14.52 -3.97 5.53
CA THR A 114 -14.66 -4.62 6.83
C THR A 114 -15.05 -3.58 7.87
N PRO A 115 -16.09 -3.82 8.67
CA PRO A 115 -16.55 -2.81 9.63
C PRO A 115 -15.44 -2.39 10.58
N GLY A 116 -15.25 -1.08 10.71
CA GLY A 116 -14.23 -0.51 11.55
C GLY A 116 -13.01 0.00 10.80
N THR A 117 -12.84 -0.40 9.54
CA THR A 117 -11.69 0.02 8.77
C THR A 117 -11.79 1.50 8.40
N LEU A 118 -10.67 2.20 8.54
CA LEU A 118 -10.57 3.61 8.15
C LEU A 118 -9.70 3.74 6.90
N ARG A 119 -9.96 4.79 6.13
CA ARG A 119 -9.27 5.04 4.87
C ARG A 119 -8.81 6.49 4.82
N SER A 120 -7.55 6.69 4.43
CA SER A 120 -6.94 8.01 4.50
C SER A 120 -7.42 8.91 3.35
N GLY A 121 -7.08 10.20 3.44
CA GLY A 121 -7.67 11.23 2.60
C GLY A 121 -7.03 11.49 1.25
N ASN A 122 -5.78 11.05 1.05
CA ASN A 122 -5.13 11.20 -0.24
C ASN A 122 -5.60 10.08 -1.15
N PRO A 123 -6.35 10.37 -2.22
CA PRO A 123 -7.00 9.30 -3.01
C PRO A 123 -6.02 8.30 -3.60
N GLY A 124 -5.06 8.79 -4.39
CA GLY A 124 -4.16 7.88 -5.07
C GLY A 124 -3.21 7.14 -4.14
N ALA A 125 -2.86 7.75 -3.01
CA ALA A 125 -1.95 7.14 -2.05
C ALA A 125 -2.67 6.58 -0.82
N SER A 126 -3.99 6.48 -0.86
CA SER A 126 -4.74 6.11 0.34
C SER A 126 -4.37 4.71 0.81
N LEU A 127 -4.30 4.55 2.13
CA LEU A 127 -4.19 3.25 2.78
C LEU A 127 -5.45 3.02 3.61
N VAL A 128 -5.77 1.75 3.82
CA VAL A 128 -6.81 1.34 4.75
C VAL A 128 -6.12 0.78 5.99
N ALA A 129 -6.68 1.07 7.16
CA ALA A 129 -6.13 0.57 8.41
C ALA A 129 -7.26 0.08 9.30
N LEU A 130 -7.05 -1.09 9.92
CA LEU A 130 -8.03 -1.70 10.81
C LEU A 130 -7.32 -2.13 12.08
N GLY A 131 -7.68 -1.53 13.21
CA GLY A 131 -7.06 -1.88 14.47
C GLY A 131 -6.74 -0.73 15.41
N ALA A 132 -5.75 -0.95 16.30
CA ALA A 132 -5.51 -0.03 17.41
C ALA A 132 -5.14 1.37 16.93
N LYS A 133 -4.26 1.47 15.93
CA LYS A 133 -3.74 2.76 15.49
C LYS A 133 -4.34 3.20 14.16
N ALA A 134 -5.56 2.75 13.86
CA ALA A 134 -6.17 3.04 12.56
C ALA A 134 -6.39 4.54 12.37
N GLU A 135 -6.85 5.24 13.41
CA GLU A 135 -7.08 6.66 13.30
C GLU A 135 -5.80 7.41 12.98
N TRP A 136 -4.73 7.12 13.73
CA TRP A 136 -3.46 7.80 13.51
C TRP A 136 -2.89 7.49 12.13
N PHE A 137 -3.00 6.23 11.69
CA PHE A 137 -2.43 5.85 10.41
C PHE A 137 -3.11 6.55 9.25
N THR A 138 -4.40 6.87 9.37
CA THR A 138 -5.16 7.45 8.27
C THR A 138 -5.46 8.93 8.44
N ALA A 139 -5.02 9.55 9.53
CA ALA A 139 -5.34 10.95 9.78
C ALA A 139 -4.36 11.88 9.08
N ASP A 140 -4.89 12.98 8.54
CA ASP A 140 -4.09 14.09 8.02
C ASP A 140 -3.12 13.64 6.94
N HIS A 141 -3.61 12.88 5.98
CA HIS A 141 -2.77 12.44 4.88
C HIS A 141 -2.47 13.62 3.97
N PRO A 142 -1.22 14.05 3.84
CA PRO A 142 -0.92 15.21 2.99
C PRO A 142 -1.29 14.93 1.53
N LEU A 143 -2.00 15.88 0.93
CA LEU A 143 -2.54 15.67 -0.41
C LEU A 143 -1.46 15.82 -1.49
N ASP A 144 -0.42 16.59 -1.22
CA ASP A 144 0.72 16.69 -2.12
C ASP A 144 1.85 15.82 -1.60
N TYR A 145 2.52 15.12 -2.52
CA TYR A 145 3.59 14.19 -2.20
C TYR A 145 3.17 13.23 -1.09
N GLY A 146 2.08 12.51 -1.35
CA GLY A 146 1.46 11.64 -0.38
C GLY A 146 2.20 10.36 -0.08
N TYR A 147 3.38 10.16 -0.66
CA TYR A 147 4.22 9.01 -0.36
C TYR A 147 5.44 9.39 0.45
N GLY A 148 5.42 10.56 1.09
CA GLY A 148 6.58 11.05 1.82
C GLY A 148 6.32 11.37 3.28
N GLU A 149 6.75 12.55 3.70
CA GLU A 149 6.69 12.92 5.11
C GLU A 149 5.24 13.04 5.58
N GLY A 150 5.00 12.58 6.81
CA GLY A 150 3.67 12.65 7.38
C GLY A 150 2.64 11.74 6.74
N SER A 151 3.04 10.88 5.79
CA SER A 151 2.13 9.97 5.12
C SER A 151 1.95 8.70 5.93
N PRO A 152 0.88 7.93 5.67
CA PRO A 152 0.72 6.64 6.36
C PRO A 152 1.91 5.71 6.18
N LEU A 153 2.57 5.76 5.02
CA LEU A 153 3.77 4.95 4.84
C LEU A 153 4.90 5.42 5.74
N ALA A 154 4.98 6.72 6.01
CA ALA A 154 5.98 7.22 6.95
C ALA A 154 5.63 6.86 8.38
N LYS A 155 4.34 6.82 8.70
CA LYS A 155 3.91 6.43 10.04
C LYS A 155 4.12 4.94 10.28
N LEU A 156 4.04 4.11 9.23
CA LEU A 156 4.32 2.69 9.39
C LEU A 156 5.79 2.46 9.72
N VAL A 157 6.69 3.20 9.08
CA VAL A 157 8.11 3.11 9.40
C VAL A 157 8.36 3.62 10.82
N GLU A 158 7.76 4.76 11.17
CA GLU A 158 7.98 5.34 12.49
C GLU A 158 7.48 4.41 13.58
N ALA A 159 6.33 3.78 13.37
CA ALA A 159 5.76 2.88 14.37
C ALA A 159 6.45 1.52 14.42
N GLY A 160 7.46 1.29 13.58
CA GLY A 160 8.11 0.00 13.56
C GLY A 160 7.25 -1.10 12.96
N GLY A 161 6.44 -0.76 11.95
CA GLY A 161 5.56 -1.72 11.33
C GLY A 161 6.32 -2.72 10.47
N LYS A 162 5.54 -3.64 9.89
CA LYS A 162 6.08 -4.65 9.00
C LYS A 162 5.23 -4.70 7.73
N VAL A 163 5.79 -5.33 6.70
CA VAL A 163 5.10 -5.52 5.42
C VAL A 163 5.16 -7.00 5.08
N LEU A 164 4.01 -7.56 4.69
CA LEU A 164 3.89 -8.98 4.34
C LEU A 164 3.50 -9.10 2.88
N MET A 165 4.35 -9.73 2.08
CA MET A 165 4.02 -10.09 0.70
C MET A 165 3.44 -11.50 0.73
N LEU A 166 2.11 -11.59 0.75
CA LEU A 166 1.42 -12.88 0.86
C LEU A 166 1.20 -13.44 -0.53
N GLY A 167 2.26 -14.03 -1.08
CA GLY A 167 2.23 -14.57 -2.42
C GLY A 167 2.20 -13.54 -3.53
N ALA A 168 2.16 -12.25 -3.20
CA ALA A 168 2.08 -11.21 -4.21
C ALA A 168 3.43 -10.99 -4.88
N PRO A 169 3.45 -10.51 -6.13
CA PRO A 169 4.72 -10.16 -6.77
C PRO A 169 5.46 -9.10 -5.97
N LEU A 170 6.78 -9.27 -5.88
CA LEU A 170 7.58 -8.44 -4.99
C LEU A 170 7.65 -6.99 -5.43
N ASP A 171 7.34 -6.68 -6.69
CA ASP A 171 7.35 -5.31 -7.16
C ASP A 171 6.10 -4.53 -6.81
N THR A 172 5.14 -5.14 -6.11
CA THR A 172 3.94 -4.45 -5.66
C THR A 172 4.09 -3.89 -4.24
N LEU A 173 5.30 -3.91 -3.69
CA LEU A 173 5.56 -3.41 -2.34
C LEU A 173 5.44 -1.89 -2.35
N THR A 174 4.31 -1.38 -1.88
CA THR A 174 4.04 0.06 -1.98
C THR A 174 5.02 0.89 -1.17
N LEU A 175 5.55 0.33 -0.09
CA LEU A 175 6.43 1.10 0.79
C LEU A 175 7.67 1.60 0.06
N LEU A 176 8.11 0.90 -0.97
CA LEU A 176 9.30 1.34 -1.70
C LEU A 176 9.07 2.65 -2.45
N HIS A 177 7.81 3.04 -2.68
CA HIS A 177 7.54 4.37 -3.19
C HIS A 177 7.92 5.44 -2.17
N HIS A 178 7.72 5.13 -0.88
CA HIS A 178 8.23 6.01 0.17
C HIS A 178 9.75 6.10 0.13
N ALA A 179 10.41 5.00 -0.26
CA ALA A 179 11.86 5.04 -0.42
C ALA A 179 12.26 5.91 -1.62
N GLU A 180 11.52 5.81 -2.72
CA GLU A 180 11.79 6.66 -3.87
C GLU A 180 11.62 8.13 -3.53
N HIS A 181 10.60 8.47 -2.74
CA HIS A 181 10.40 9.85 -2.33
C HIS A 181 11.57 10.37 -1.52
N LEU A 182 12.06 9.56 -0.58
CA LEU A 182 13.15 9.98 0.30
C LEU A 182 14.51 9.98 -0.41
N ALA A 183 14.66 9.23 -1.50
CA ALA A 183 15.96 9.06 -2.12
C ALA A 183 16.48 10.38 -2.68
N ASP A 184 17.66 10.79 -2.21
CA ASP A 184 18.31 12.01 -2.66
C ASP A 184 19.08 11.70 -3.95
N ILE A 185 18.34 11.70 -5.06
CA ILE A 185 18.90 11.41 -6.38
C ILE A 185 18.34 12.41 -7.38
N PRO A 186 19.03 12.59 -8.52
CA PRO A 186 18.54 13.56 -9.51
C PRO A 186 17.68 12.91 -10.60
N GLY A 187 16.95 13.74 -11.33
CA GLY A 187 16.11 13.26 -12.41
C GLY A 187 14.84 12.59 -11.99
N LYS A 188 14.35 12.89 -10.78
CA LYS A 188 13.14 12.23 -10.27
C LYS A 188 11.91 12.76 -11.00
N ARG A 189 11.08 11.85 -11.49
CA ARG A 189 9.93 12.21 -12.30
C ARG A 189 8.75 12.62 -11.43
N ILE A 190 7.94 13.53 -11.96
CA ILE A 190 6.85 14.17 -11.22
C ILE A 190 5.54 13.88 -11.94
N LYS A 191 4.46 13.82 -11.17
CA LYS A 191 3.11 13.66 -11.69
C LYS A 191 2.22 14.75 -11.11
N ARG A 192 1.43 15.38 -11.98
CA ARG A 192 0.42 16.35 -11.58
C ARG A 192 -0.91 15.97 -12.19
N ILE A 193 -1.98 16.07 -11.41
CA ILE A 193 -3.32 15.68 -11.86
C ILE A 193 -4.33 16.42 -11.01
N GLU A 194 -5.46 16.79 -11.63
CA GLU A 194 -6.56 17.40 -10.90
C GLU A 194 -7.48 16.32 -10.38
N VAL A 195 -7.92 16.47 -9.13
CA VAL A 195 -8.70 15.44 -8.45
C VAL A 195 -9.97 16.07 -7.89
N PRO A 196 -11.14 15.43 -8.04
CA PRO A 196 -12.36 15.93 -7.39
C PRO A 196 -12.54 15.34 -6.02
N PHE A 197 -12.92 16.20 -5.07
CA PHE A 197 -13.16 15.80 -3.69
C PHE A 197 -14.61 16.06 -3.34
N ALA A 198 -15.19 15.17 -2.54
CA ALA A 198 -16.56 15.33 -2.05
C ALA A 198 -16.50 16.00 -0.68
N THR A 199 -17.18 17.14 -0.56
CA THR A 199 -17.28 17.90 0.69
C THR A 199 -18.75 18.04 1.08
N PRO A 200 -19.04 18.36 2.34
CA PRO A 200 -20.44 18.54 2.75
C PRO A 200 -21.13 19.69 2.02
N THR A 201 -20.40 20.54 1.31
CA THR A 201 -20.98 21.65 0.56
C THR A 201 -21.02 21.39 -0.94
N GLY A 202 -20.51 20.25 -1.40
CA GLY A 202 -20.44 19.93 -2.82
C GLY A 202 -19.04 19.58 -3.25
N THR A 203 -18.93 19.24 -4.53
CA THR A 203 -17.64 18.83 -5.08
C THR A 203 -16.68 20.00 -5.17
N GLN A 204 -15.44 19.79 -4.73
CA GLN A 204 -14.38 20.77 -4.84
C GLN A 204 -13.17 20.12 -5.49
N TRP A 205 -12.55 20.83 -6.43
CA TRP A 205 -11.41 20.31 -7.16
C TRP A 205 -10.10 20.81 -6.55
N ARG A 206 -9.01 20.13 -6.90
CA ARG A 206 -7.69 20.46 -6.38
C ARG A 206 -6.65 19.74 -7.22
N MET A 207 -5.54 20.44 -7.47
CA MET A 207 -4.40 19.82 -8.13
C MET A 207 -3.59 19.02 -7.13
N ILE A 208 -3.06 17.88 -7.57
CA ILE A 208 -2.22 17.02 -6.76
C ILE A 208 -0.86 16.90 -7.43
N GLU A 209 0.21 17.14 -6.67
CA GLU A 209 1.56 16.94 -7.14
C GLU A 209 2.26 15.90 -6.26
N GLU A 210 3.07 15.06 -6.90
CA GLU A 210 3.80 14.00 -6.22
C GLU A 210 4.82 13.44 -7.21
N PHE A 211 5.80 12.72 -6.66
CA PHE A 211 6.67 11.94 -7.53
C PHE A 211 5.87 10.83 -8.19
N ASP A 212 6.10 10.63 -9.48
CA ASP A 212 5.29 9.71 -10.27
C ASP A 212 5.56 8.27 -9.82
N THR A 213 4.55 7.64 -9.23
CA THR A 213 4.64 6.24 -8.84
C THR A 213 4.09 5.28 -9.89
N GLY A 214 3.71 5.79 -11.05
CA GLY A 214 3.31 4.94 -12.16
C GLY A 214 4.45 4.37 -12.96
N ASP A 215 5.67 4.79 -12.67
CA ASP A 215 6.87 4.35 -13.36
C ASP A 215 8.02 4.45 -12.38
N PRO A 216 9.16 3.83 -12.68
CA PRO A 216 10.34 4.01 -11.84
C PRO A 216 10.65 5.48 -11.61
N ILE A 217 11.15 5.79 -10.41
CA ILE A 217 11.34 7.18 -10.00
C ILE A 217 12.28 7.91 -10.94
N VAL A 218 13.22 7.21 -11.58
CA VAL A 218 14.16 7.81 -12.51
C VAL A 218 14.30 6.90 -13.73
N ALA A 219 14.99 7.42 -14.75
CA ALA A 219 15.19 6.66 -15.96
C ALA A 219 16.30 5.63 -15.77
N GLY A 220 16.27 4.60 -16.63
CA GLY A 220 17.25 3.53 -16.59
C GLY A 220 16.85 2.33 -15.75
N LEU A 221 15.65 2.32 -15.17
CA LEU A 221 15.19 1.25 -14.31
C LEU A 221 14.05 0.49 -14.99
N ALA A 222 14.11 -0.84 -14.90
CA ALA A 222 13.01 -1.65 -15.40
C ALA A 222 11.73 -1.37 -14.61
N GLU A 223 10.60 -1.69 -15.22
CA GLU A 223 9.32 -1.39 -14.61
C GLU A 223 9.12 -2.15 -13.30
N ASP A 224 9.78 -3.30 -13.15
CA ASP A 224 9.60 -4.17 -11.99
C ASP A 224 10.82 -4.17 -11.07
N TYR A 225 11.58 -3.08 -11.05
CA TYR A 225 12.85 -3.06 -10.32
C TYR A 225 12.67 -3.14 -8.81
N PHE A 226 11.45 -2.99 -8.29
CA PHE A 226 11.22 -3.19 -6.87
C PHE A 226 11.49 -4.62 -6.44
N ALA A 227 11.19 -5.59 -7.32
CA ALA A 227 11.40 -6.99 -6.96
C ALA A 227 12.87 -7.31 -6.77
N GLY A 228 13.73 -6.71 -7.59
CA GLY A 228 15.17 -6.91 -7.40
C GLY A 228 15.67 -6.33 -6.09
N ILE A 229 15.09 -5.20 -5.66
CA ILE A 229 15.47 -4.61 -4.38
C ILE A 229 15.07 -5.53 -3.23
N VAL A 230 13.87 -6.11 -3.32
CA VAL A 230 13.41 -7.04 -2.28
C VAL A 230 14.28 -8.29 -2.27
N THR A 231 14.64 -8.79 -3.45
CA THR A 231 15.45 -10.00 -3.53
C THR A 231 16.83 -9.76 -2.94
N GLU A 232 17.45 -8.62 -3.25
CA GLU A 232 18.73 -8.29 -2.64
C GLU A 232 18.60 -8.12 -1.13
N PHE A 233 17.48 -7.55 -0.68
CA PHE A 233 17.22 -7.41 0.74
C PHE A 233 17.17 -8.77 1.42
N LEU A 234 16.45 -9.72 0.83
CA LEU A 234 16.40 -11.07 1.38
C LEU A 234 17.76 -11.76 1.26
N ALA A 235 18.47 -11.51 0.16
CA ALA A 235 19.77 -12.15 -0.05
C ALA A 235 20.80 -11.68 0.98
N SER A 236 20.63 -10.47 1.53
CA SER A 236 21.53 -9.96 2.54
C SER A 236 21.25 -10.52 3.93
N GLY A 237 20.35 -11.49 4.04
CA GLY A 237 20.03 -12.08 5.32
C GLY A 237 18.98 -11.35 6.13
N GLN A 238 18.29 -10.39 5.55
CA GLN A 238 17.23 -9.66 6.23
C GLN A 238 15.87 -10.16 5.76
N GLY A 239 14.87 -9.94 6.60
CA GLY A 239 13.53 -10.40 6.31
C GLY A 239 13.39 -11.90 6.55
N ARG A 240 12.18 -12.40 6.31
CA ARG A 240 11.87 -13.80 6.55
C ARG A 240 11.00 -14.34 5.42
N GLN A 241 11.22 -15.60 5.07
CA GLN A 241 10.45 -16.29 4.05
C GLN A 241 9.76 -17.51 4.64
N GLY A 242 8.68 -17.91 4.00
CA GLY A 242 7.90 -19.05 4.46
C GLY A 242 6.55 -19.09 3.81
N LEU A 243 5.88 -20.22 3.97
CA LEU A 243 4.56 -20.42 3.40
C LEU A 243 3.48 -19.85 4.30
N ILE A 244 2.51 -19.17 3.69
CA ILE A 244 1.28 -18.78 4.35
C ILE A 244 0.17 -19.52 3.61
N GLY A 245 -0.36 -20.57 4.23
CA GLY A 245 -1.19 -21.50 3.48
C GLY A 245 -0.33 -22.15 2.43
N ALA A 246 -0.73 -22.03 1.16
CA ALA A 246 0.06 -22.53 0.05
C ALA A 246 0.87 -21.43 -0.64
N ALA A 247 0.89 -20.22 -0.07
CA ALA A 247 1.49 -19.08 -0.76
C ALA A 247 2.90 -18.82 -0.24
N PRO A 248 3.91 -18.84 -1.10
CA PRO A 248 5.26 -18.39 -0.69
C PRO A 248 5.24 -16.91 -0.34
N SER A 249 5.58 -16.59 0.91
CA SER A 249 5.40 -15.25 1.43
C SER A 249 6.72 -14.67 1.94
N VAL A 250 6.75 -13.34 2.01
CA VAL A 250 7.90 -12.59 2.50
C VAL A 250 7.41 -11.60 3.56
N LEU A 251 8.14 -11.50 4.66
CA LEU A 251 7.83 -10.58 5.75
C LEU A 251 9.08 -9.75 6.04
N VAL A 252 8.93 -8.42 6.02
CA VAL A 252 10.05 -7.50 6.19
C VAL A 252 9.69 -6.39 7.15
N ASP A 253 10.71 -5.84 7.80
CA ASP A 253 10.55 -4.68 8.68
C ASP A 253 10.43 -3.42 7.85
N ALA A 254 9.46 -2.57 8.18
CA ALA A 254 9.17 -1.40 7.35
C ALA A 254 10.35 -0.43 7.31
N ALA A 255 10.95 -0.15 8.47
CA ALA A 255 12.07 0.78 8.50
C ALA A 255 13.28 0.23 7.77
N ALA A 256 13.52 -1.08 7.89
CA ALA A 256 14.69 -1.68 7.27
C ALA A 256 14.59 -1.66 5.75
N ILE A 257 13.44 -2.10 5.20
CA ILE A 257 13.30 -2.16 3.75
C ILE A 257 13.24 -0.76 3.16
N THR A 258 12.72 0.21 3.92
CA THR A 258 12.72 1.59 3.43
C THR A 258 14.14 2.13 3.34
N ALA A 259 14.93 1.97 4.40
CA ALA A 259 16.31 2.45 4.36
C ALA A 259 17.13 1.70 3.33
N PHE A 260 16.86 0.40 3.17
CA PHE A 260 17.56 -0.37 2.14
C PHE A 260 17.19 0.13 0.75
N GLY A 261 15.92 0.49 0.54
CA GLY A 261 15.50 1.01 -0.75
C GLY A 261 16.12 2.36 -1.07
N VAL A 262 16.18 3.25 -0.08
CA VAL A 262 16.81 4.55 -0.29
C VAL A 262 18.28 4.39 -0.65
N THR A 263 18.98 3.57 0.12
CA THR A 263 20.41 3.36 -0.11
C THR A 263 20.66 2.66 -1.45
N TRP A 264 19.76 1.73 -1.83
CA TRP A 264 19.86 1.10 -3.15
C TRP A 264 19.81 2.15 -4.25
N LEU A 265 18.98 3.18 -4.09
CA LEU A 265 18.84 4.21 -5.11
C LEU A 265 19.99 5.21 -5.06
N GLU A 266 20.38 5.65 -3.85
CA GLU A 266 21.44 6.63 -3.70
C GLU A 266 22.81 6.09 -4.08
N LYS A 267 22.96 4.76 -4.20
CA LYS A 267 24.23 4.19 -4.62
C LYS A 267 24.37 4.11 -6.13
N ARG A 268 23.27 3.89 -6.85
CA ARG A 268 23.30 3.81 -8.30
C ARG A 268 23.13 5.16 -8.98
N PHE A 269 22.60 6.16 -8.28
CA PHE A 269 22.41 7.49 -8.83
C PHE A 269 22.80 8.52 -7.78
N GLY A 270 22.95 9.77 -8.22
CA GLY A 270 23.25 10.86 -7.31
C GLY A 270 24.61 10.74 -6.64
N THR A 271 24.83 11.67 -5.71
CA THR A 271 26.09 11.73 -4.97
C THR A 271 25.84 12.16 -3.52
C11 PAR B . 1.71 -0.11 -11.32
O11 PAR B . 1.18 0.16 -10.02
C21 PAR B . 0.88 -1.22 -11.95
N21 PAR B . -0.52 -0.82 -12.07
C31 PAR B . 1.00 -2.44 -11.04
O31 PAR B . 0.17 -3.50 -11.52
C41 PAR B . 2.47 -2.86 -11.07
O41 PAR B . 2.66 -3.99 -10.22
C51 PAR B . 3.34 -1.70 -10.57
O51 PAR B . 3.09 -0.46 -11.25
C61 PAR B . 4.79 -2.11 -10.85
O61 PAR B . 4.94 -2.27 -12.27
C12 PAR B . 0.29 3.59 -7.89
N12 PAR B . 0.20 4.86 -7.17
C22 PAR B . 1.54 2.85 -7.45
C32 PAR B . 1.50 1.45 -8.08
N32 PAR B . 2.69 0.68 -7.65
C42 PAR B . 1.48 1.51 -9.60
C52 PAR B . 0.44 2.49 -10.17
O52 PAR B . 0.79 2.79 -11.52
C62 PAR B . 0.41 3.82 -9.40
O62 PAR B . -0.70 4.60 -9.86
C13 PAR B . -0.40 2.94 -12.28
C23 PAR B . -0.24 4.15 -13.23
O23 PAR B . -1.51 4.74 -13.52
C33 PAR B . 0.36 3.48 -14.47
O33 PAR B . 0.09 4.27 -15.63
C43 PAR B . -0.44 2.16 -14.52
O43 PAR B . -0.61 1.78 -13.14
C53 PAR B . 0.33 1.07 -15.27
O53 PAR B . 1.69 1.05 -14.84
C14 PAR B . 1.35 4.71 -16.16
C24 PAR B . 1.09 5.68 -17.30
N24 PAR B . 0.35 4.99 -18.36
C34 PAR B . 2.44 6.17 -17.87
O34 PAR B . 3.14 6.90 -16.86
C44 PAR B . 3.24 4.93 -18.29
O44 PAR B . 2.56 4.27 -19.35
C54 PAR B . 3.37 3.99 -17.09
O54 PAR B . 2.09 3.57 -16.63
C64 PAR B . 4.15 2.74 -17.53
N64 PAR B . 4.19 1.80 -16.41
#